data_8XTP
#
_entry.id   8XTP
#
_cell.length_a   1.00
_cell.length_b   1.00
_cell.length_c   1.00
_cell.angle_alpha   90.00
_cell.angle_beta   90.00
_cell.angle_gamma   90.00
#
_symmetry.space_group_name_H-M   'P 1'
#
loop_
_entity.id
_entity.type
_entity.pdbx_description
1 polymer 'RNA (595-MER)'
2 polymer 'RNA (133-MER)'
3 non-polymer 'POTASSIUM ION'
4 non-polymer 'MAGNESIUM ION'
5 non-polymer SPERMIDINE
#
loop_
_entity_poly.entity_id
_entity_poly.type
_entity_poly.pdbx_seq_one_letter_code
_entity_poly.pdbx_strand_id
1 'polyribonucleotide'
;GGGCGACCGUGAAACGGCGCUGGGCAGGAAAUGGCCCAGUGACCUGGUCAAUGGUGAAAGUCGGUGAAAGACCGACCGGU
GGGGCGUAUCGAAAGAGCGCAACACCUGCCGCACAGGAUGGCUUCUGAGGUACCGGUGACGGUACAGAACGCGGAGGGGA
AACCUGGAAGCGAGGGCACCUCGGGAAACCGGGGGUCGAUGCAUAGCUCAAACCUGUAACGGCACCAGUGGAGGGUGCUG
UGCGGAGCAACGUGGAGCCACAGGCAUGAAGCCGUGGUUCGUAGUCGAUGAGACAAGCGGUGAGUAAGGGAAGGGCUGCG
AACAUCGCCUCCCCGAAAUCCAAGGAAAGCCGAAAGGCUAGCCGCUUUGUUGAGACAGUGGCGCCACGUUGCGCAUUAGC
CGUGACCUAAACGGGGAACCUCUUGGCCGUACCGACUCGGGUGGCACCGGUCGGGCUCGAUGGCUCAAGAGGGGGAGAUG
UGAUGAUUAGGGUUUGACCCGUGAUGCGAUACGACCGAAGCAUCCGGGGAGCUGUCUGACGAAGAGUCGGCAGCAGUGGG
UUUGGCGACCCGCUCCGAAAGUCGCAAGCGUUUGC
;
B
2 'polyribonucleotide'
;CCGGGGCGCCACCCCGGAAGUGAUGCGAGUCGCCAACUCGCAUCACAAGCAAACGCUGUAGCCGCGUGCCUCUAAUAGGG
CUGGCGCGGUUGCGAAGGGCGCUGGUGAGUGCAACUCUCACCUUCGACCCAAU
;
A
#